data_9KW3
#
_entry.id   9KW3
#
_cell.length_a   52.226
_cell.length_b   53.490
_cell.length_c   140.575
_cell.angle_alpha   90.000
_cell.angle_beta   90.000
_cell.angle_gamma   90.000
#
_symmetry.space_group_name_H-M   'P 21 21 21'
#
loop_
_entity.id
_entity.type
_entity.pdbx_description
1 polymer 'Vitamin D3 dihydroxylase'
2 non-polymer 'PROTOPORPHYRIN IX CONTAINING FE'
3 non-polymer (2~{E})-2-[(4~{R})-4-(2-chlorophenyl)-1,3-dithiolan-2-ylidene]-2-imidazol-1-yl-ethanenitrile
4 water water
#
_entity_poly.entity_id   1
_entity_poly.type   'polypeptide(L)'
_entity_poly.pdbx_seq_one_letter_code
;MTDTATTPQTTDAPAFPSNRSCPYQLPDGYAQLRDTPGPLHRVTLYDGRQAWVVTKHEAARKLLGDPRLSSNRTDDNFPA
TSPAFEAVRESPQAFIGLDPPEHGTRRRMTISEFTVKRIKGMRPEVEEVVHGFLDEMLAAGPTADLVSQFALPVPSMVIC
RLLGVPYADHEFFQDASKRLVQSTDAQSALTARNDLAGYLDGLITQFQTEPGAGLVGALVADQLANGEIDREELISTAML
LLIAGHETTASMTSLSVITLLDHPEQYAALRADRSLVPGAVEELLRYLAIADIAGGRVATADIEVEGQLIRAGEGVIVVN
SIANRDGTVYEDPDALDIHRSARHHLAFGFGVHQCLGQNLARLELEVILNALMDRVPTLRLAVPVEQLVLRPGTTIQGVN
ELPVTWHHHHHH
;
_entity_poly.pdbx_strand_id   A
#
# COMPACT_ATOMS: atom_id res chain seq x y z
N THR A 7 -32.57 -16.92 -19.36
CA THR A 7 -31.21 -17.45 -19.26
C THR A 7 -30.44 -16.81 -18.08
N PRO A 8 -30.14 -17.61 -17.07
CA PRO A 8 -29.53 -17.05 -15.85
C PRO A 8 -28.14 -16.47 -16.13
N GLN A 9 -27.79 -15.47 -15.31
CA GLN A 9 -26.51 -14.78 -15.42
C GLN A 9 -25.45 -15.30 -14.46
N THR A 10 -25.81 -16.20 -13.54
CA THR A 10 -24.86 -16.78 -12.60
C THR A 10 -23.62 -17.29 -13.32
N THR A 11 -22.45 -16.99 -12.77
CA THR A 11 -21.20 -17.46 -13.33
C THR A 11 -20.40 -18.18 -12.24
N ASP A 12 -19.44 -19.00 -12.66
CA ASP A 12 -18.47 -19.53 -11.71
C ASP A 12 -17.12 -18.82 -11.81
N ALA A 13 -17.07 -17.70 -12.51
CA ALA A 13 -15.85 -16.88 -12.61
C ALA A 13 -16.26 -15.41 -12.51
N PRO A 14 -16.65 -14.95 -11.32
CA PRO A 14 -17.15 -13.58 -11.18
C PRO A 14 -16.10 -12.55 -11.58
N ALA A 15 -16.58 -11.38 -12.00
CA ALA A 15 -15.67 -10.29 -12.34
C ALA A 15 -14.87 -9.90 -11.10
N PHE A 16 -13.58 -9.63 -11.33
CA PHE A 16 -12.63 -9.25 -10.27
C PHE A 16 -11.74 -8.14 -10.83
N PRO A 17 -11.40 -7.13 -10.02
CA PRO A 17 -11.78 -6.95 -8.61
C PRO A 17 -13.19 -6.37 -8.40
N SER A 18 -13.60 -6.28 -7.14
CA SER A 18 -14.84 -5.64 -6.75
C SER A 18 -14.55 -4.37 -5.98
N ASN A 19 -15.54 -3.50 -5.88
CA ASN A 19 -15.38 -2.21 -5.23
C ASN A 19 -16.02 -2.24 -3.85
N ARG A 20 -15.38 -1.58 -2.89
CA ARG A 20 -15.95 -1.46 -1.56
C ARG A 20 -17.13 -0.49 -1.58
N SER A 21 -18.19 -0.85 -0.86
CA SER A 21 -19.30 0.05 -0.60
C SER A 21 -19.24 0.67 0.78
N CYS A 22 -18.44 0.08 1.69
CA CYS A 22 -18.11 0.60 3.00
C CYS A 22 -16.59 0.58 3.14
N PRO A 23 -15.97 1.64 3.68
CA PRO A 23 -14.51 1.71 3.65
C PRO A 23 -13.83 0.53 4.32
N TYR A 24 -14.43 -0.04 5.37
CA TYR A 24 -13.78 -1.10 6.15
C TYR A 24 -14.50 -2.44 6.06
N GLN A 25 -15.36 -2.64 5.07
CA GLN A 25 -15.99 -3.94 4.88
C GLN A 25 -15.57 -4.55 3.55
N LEU A 26 -15.50 -5.87 3.51
CA LEU A 26 -15.28 -6.56 2.25
C LEU A 26 -16.41 -6.21 1.28
N PRO A 27 -16.12 -6.03 0.00
CA PRO A 27 -17.20 -5.98 -0.99
C PRO A 27 -18.07 -7.24 -0.89
N ASP A 28 -19.34 -7.10 -1.26
CA ASP A 28 -20.25 -8.24 -1.17
C ASP A 28 -19.69 -9.45 -1.91
N GLY A 29 -19.13 -9.24 -3.09
CA GLY A 29 -18.58 -10.35 -3.85
C GLY A 29 -17.41 -11.02 -3.17
N TYR A 30 -16.64 -10.25 -2.39
CA TYR A 30 -15.49 -10.83 -1.70
C TYR A 30 -15.94 -11.68 -0.52
N ALA A 31 -16.98 -11.25 0.18
CA ALA A 31 -17.56 -12.06 1.24
C ALA A 31 -17.98 -13.41 0.69
N GLN A 32 -18.51 -13.41 -0.53
CA GLN A 32 -18.91 -14.65 -1.19
C GLN A 32 -17.71 -15.57 -1.42
N LEU A 33 -16.63 -15.00 -1.96
CA LEU A 33 -15.38 -15.75 -2.12
C LEU A 33 -14.83 -16.21 -0.78
N ARG A 34 -14.93 -15.36 0.25
CA ARG A 34 -14.44 -15.75 1.57
C ARG A 34 -15.19 -16.98 2.07
N ASP A 35 -16.50 -17.01 1.87
CA ASP A 35 -17.32 -18.08 2.42
C ASP A 35 -17.21 -19.38 1.64
N THR A 36 -16.93 -19.30 0.34
CA THR A 36 -16.88 -20.52 -0.47
C THR A 36 -15.68 -21.36 -0.07
N PRO A 37 -15.88 -22.62 0.32
CA PRO A 37 -14.75 -23.46 0.74
C PRO A 37 -13.71 -23.57 -0.35
N GLY A 38 -12.47 -23.83 0.06
CA GLY A 38 -11.39 -24.06 -0.88
C GLY A 38 -10.48 -22.86 -0.97
N PRO A 39 -9.18 -23.11 -1.18
CA PRO A 39 -8.21 -22.01 -1.18
C PRO A 39 -8.27 -21.14 -2.42
N LEU A 40 -8.79 -21.64 -3.53
CA LEU A 40 -8.73 -20.94 -4.81
C LEU A 40 -10.12 -20.77 -5.40
N HIS A 41 -10.26 -19.72 -6.22
CA HIS A 41 -11.51 -19.51 -6.94
C HIS A 41 -11.21 -18.84 -8.28
N ARG A 42 -11.95 -19.25 -9.32
CA ARG A 42 -11.79 -18.61 -10.61
CA ARG A 42 -11.80 -18.61 -10.61
C ARG A 42 -12.45 -17.23 -10.61
N VAL A 43 -11.85 -16.30 -11.37
CA VAL A 43 -12.41 -14.98 -11.59
C VAL A 43 -12.16 -14.60 -13.04
N THR A 44 -12.88 -13.57 -13.50
CA THR A 44 -12.71 -13.00 -14.82
C THR A 44 -12.17 -11.57 -14.68
N LEU A 45 -11.03 -11.30 -15.32
CA LEU A 45 -10.45 -9.97 -15.25
C LEU A 45 -11.08 -9.05 -16.29
N TYR A 46 -10.69 -7.76 -16.26
CA TYR A 46 -11.39 -6.74 -17.02
C TYR A 46 -11.41 -7.03 -18.52
N ASP A 47 -10.42 -7.78 -19.01
CA ASP A 47 -10.29 -8.06 -20.44
C ASP A 47 -10.82 -9.43 -20.83
N GLY A 48 -11.59 -10.08 -19.95
CA GLY A 48 -12.16 -11.38 -20.25
C GLY A 48 -11.30 -12.57 -19.87
N ARG A 49 -10.01 -12.38 -19.59
CA ARG A 49 -9.16 -13.51 -19.23
C ARG A 49 -9.51 -14.04 -17.85
N GLN A 50 -9.48 -15.37 -17.71
CA GLN A 50 -9.69 -16.03 -16.44
C GLN A 50 -8.41 -16.08 -15.63
N ALA A 51 -8.54 -15.98 -14.32
CA ALA A 51 -7.41 -16.06 -13.41
C ALA A 51 -7.89 -16.72 -12.12
N TRP A 52 -6.93 -17.10 -11.29
CA TRP A 52 -7.22 -17.61 -9.95
C TRP A 52 -7.04 -16.50 -8.92
N VAL A 53 -7.90 -16.49 -7.90
CA VAL A 53 -7.64 -15.73 -6.67
C VAL A 53 -7.49 -16.71 -5.52
N VAL A 54 -6.58 -16.38 -4.59
CA VAL A 54 -6.38 -17.14 -3.36
C VAL A 54 -7.18 -16.42 -2.27
N THR A 55 -7.99 -17.17 -1.53
CA THR A 55 -8.98 -16.54 -0.65
C THR A 55 -8.94 -17.04 0.78
N LYS A 56 -7.99 -17.89 1.14
CA LYS A 56 -7.84 -18.39 2.49
C LYS A 56 -6.43 -18.08 2.98
N HIS A 57 -6.30 -18.00 4.30
CA HIS A 57 -5.10 -17.42 4.90
C HIS A 57 -3.87 -18.31 4.76
N GLU A 58 -3.97 -19.58 5.20
CA GLU A 58 -2.77 -20.41 5.15
C GLU A 58 -2.35 -20.67 3.71
N ALA A 59 -3.32 -20.90 2.80
CA ALA A 59 -2.97 -21.10 1.40
C ALA A 59 -2.34 -19.86 0.79
N ALA A 60 -2.78 -18.67 1.21
CA ALA A 60 -2.18 -17.42 0.75
C ALA A 60 -0.71 -17.33 1.15
N ARG A 61 -0.40 -17.60 2.43
CA ARG A 61 0.99 -17.67 2.87
C ARG A 61 1.79 -18.68 2.06
N LYS A 62 1.23 -19.88 1.87
CA LYS A 62 1.97 -20.92 1.18
C LYS A 62 2.29 -20.48 -0.25
N LEU A 63 1.34 -19.86 -0.92
CA LEU A 63 1.55 -19.52 -2.33
C LEU A 63 2.43 -18.29 -2.48
N LEU A 64 2.31 -17.32 -1.56
CA LEU A 64 3.27 -16.22 -1.54
C LEU A 64 4.70 -16.72 -1.33
N GLY A 65 4.88 -17.83 -0.62
CA GLY A 65 6.19 -18.41 -0.38
C GLY A 65 6.70 -19.34 -1.46
N ASP A 66 5.88 -19.62 -2.47
CA ASP A 66 6.22 -20.61 -3.48
C ASP A 66 6.90 -19.93 -4.66
N PRO A 67 8.17 -20.21 -4.94
CA PRO A 67 8.86 -19.52 -6.06
C PRO A 67 8.28 -19.84 -7.42
N ARG A 68 7.42 -20.86 -7.53
CA ARG A 68 6.77 -21.15 -8.80
C ARG A 68 5.74 -20.08 -9.17
N LEU A 69 5.34 -19.25 -8.22
CA LEU A 69 4.47 -18.10 -8.49
C LEU A 69 5.40 -16.90 -8.61
N SER A 70 5.67 -16.51 -9.85
CA SER A 70 6.61 -15.45 -10.19
C SER A 70 5.97 -14.08 -10.02
N SER A 71 6.80 -13.11 -9.62
CA SER A 71 6.36 -11.72 -9.51
C SER A 71 6.69 -10.90 -10.76
N ASN A 72 7.01 -11.55 -11.87
CA ASN A 72 7.50 -10.88 -13.08
C ASN A 72 6.34 -10.22 -13.82
N ARG A 73 6.15 -8.92 -13.61
CA ARG A 73 5.03 -8.21 -14.22
C ARG A 73 5.17 -8.03 -15.73
N THR A 74 6.35 -8.28 -16.31
CA THR A 74 6.51 -8.18 -17.76
C THR A 74 6.00 -9.41 -18.49
N ASP A 75 5.68 -10.48 -17.77
CA ASP A 75 5.15 -11.68 -18.40
C ASP A 75 3.79 -11.40 -19.03
N ASP A 76 3.57 -11.95 -20.24
CA ASP A 76 2.31 -11.74 -20.94
C ASP A 76 1.11 -12.24 -20.15
N ASN A 77 1.30 -13.27 -19.33
CA ASN A 77 0.20 -13.88 -18.59
C ASN A 77 0.08 -13.36 -17.18
N PHE A 78 0.90 -12.39 -16.79
CA PHE A 78 0.72 -11.77 -15.48
C PHE A 78 -0.68 -11.18 -15.40
N PRO A 79 -1.39 -11.38 -14.29
CA PRO A 79 -2.78 -10.93 -14.20
C PRO A 79 -2.92 -9.43 -14.04
N ALA A 80 -3.30 -8.75 -15.12
CA ALA A 80 -3.60 -7.33 -15.08
C ALA A 80 -5.07 -7.12 -14.71
N THR A 81 -5.32 -6.27 -13.71
CA THR A 81 -6.69 -6.02 -13.28
C THR A 81 -7.29 -4.73 -13.85
N SER A 82 -6.52 -3.94 -14.58
CA SER A 82 -7.06 -2.75 -15.21
C SER A 82 -6.20 -2.44 -16.43
N PRO A 83 -6.76 -1.73 -17.42
CA PRO A 83 -5.95 -1.34 -18.58
C PRO A 83 -4.72 -0.53 -18.21
N ALA A 84 -4.72 0.12 -17.05
CA ALA A 84 -3.58 0.91 -16.62
C ALA A 84 -2.37 0.07 -16.28
N PHE A 85 -2.55 -1.23 -16.05
CA PHE A 85 -1.42 -2.10 -15.75
C PHE A 85 -0.42 -2.09 -16.90
N GLU A 86 -0.91 -2.00 -18.13
CA GLU A 86 -0.04 -2.08 -19.30
C GLU A 86 1.06 -1.03 -19.27
N ALA A 87 0.90 0.04 -18.50
CA ALA A 87 1.97 1.01 -18.27
C ALA A 87 3.07 0.45 -17.38
N VAL A 88 2.83 -0.69 -16.74
CA VAL A 88 3.84 -1.36 -15.93
C VAL A 88 4.42 -2.59 -16.63
N ARG A 89 3.62 -3.28 -17.45
CA ARG A 89 4.11 -4.43 -18.19
C ARG A 89 5.24 -4.06 -19.13
N GLU A 90 5.12 -2.95 -19.85
CA GLU A 90 6.17 -2.48 -20.75
C GLU A 90 6.97 -1.34 -20.15
N SER A 91 7.46 -1.55 -18.93
CA SER A 91 8.25 -0.55 -18.21
C SER A 91 9.35 -1.25 -17.42
N PRO A 92 10.53 -0.63 -17.29
CA PRO A 92 11.59 -1.24 -16.49
C PRO A 92 11.12 -1.52 -15.06
N GLN A 93 11.85 -2.42 -14.39
CA GLN A 93 11.27 -3.24 -13.33
C GLN A 93 12.03 -3.08 -12.01
N ALA A 94 11.39 -2.43 -11.03
CA ALA A 94 11.92 -2.44 -9.66
C ALA A 94 11.81 -3.85 -9.07
N PHE A 95 12.46 -4.06 -7.91
CA PHE A 95 12.57 -5.42 -7.40
C PHE A 95 11.24 -5.99 -6.93
N ILE A 96 10.19 -5.17 -6.79
CA ILE A 96 8.86 -5.73 -6.55
C ILE A 96 8.44 -6.66 -7.69
N GLY A 97 8.98 -6.46 -8.89
CA GLY A 97 8.68 -7.29 -10.04
C GLY A 97 9.76 -8.26 -10.43
N LEU A 98 10.75 -8.51 -9.57
CA LEU A 98 11.81 -9.47 -9.83
C LEU A 98 11.64 -10.71 -8.97
N ASP A 99 12.21 -11.82 -9.44
CA ASP A 99 12.30 -13.06 -8.70
C ASP A 99 13.73 -13.29 -8.25
N PRO A 100 13.94 -14.10 -7.21
CA PRO A 100 15.29 -14.53 -6.86
C PRO A 100 15.94 -15.23 -8.04
N PRO A 101 17.24 -14.97 -8.31
CA PRO A 101 18.18 -14.25 -7.44
C PRO A 101 18.31 -12.74 -7.69
N GLU A 102 17.71 -12.24 -8.78
CA GLU A 102 17.83 -10.82 -9.10
C GLU A 102 17.17 -9.96 -8.03
N HIS A 103 16.01 -10.42 -7.53
CA HIS A 103 15.27 -9.71 -6.49
C HIS A 103 16.17 -9.32 -5.33
N GLY A 104 16.90 -10.30 -4.77
CA GLY A 104 17.71 -10.04 -3.59
C GLY A 104 18.81 -9.02 -3.84
N THR A 105 19.48 -9.10 -4.99
CA THR A 105 20.58 -8.18 -5.26
C THR A 105 20.10 -6.74 -5.28
N ARG A 106 18.88 -6.51 -5.79
N ARG A 106 18.89 -6.50 -5.80
CA ARG A 106 18.36 -5.15 -5.85
CA ARG A 106 18.37 -5.13 -5.85
C ARG A 106 17.77 -4.71 -4.51
C ARG A 106 17.78 -4.71 -4.51
N ARG A 107 16.96 -5.57 -3.89
CA ARG A 107 16.38 -5.20 -2.60
C ARG A 107 17.45 -4.85 -1.58
N ARG A 108 18.54 -5.60 -1.53
N ARG A 108 18.54 -5.60 -1.53
CA ARG A 108 19.58 -5.32 -0.54
CA ARG A 108 19.57 -5.32 -0.53
C ARG A 108 20.27 -3.99 -0.78
C ARG A 108 20.28 -3.99 -0.78
N MET A 109 20.07 -3.35 -1.93
CA MET A 109 20.61 -2.00 -2.12
C MET A 109 19.83 -0.97 -1.32
N THR A 110 18.63 -1.31 -0.84
CA THR A 110 17.75 -0.34 -0.20
C THR A 110 17.45 -0.65 1.25
N ILE A 111 17.79 -1.85 1.74
CA ILE A 111 17.29 -2.25 3.05
C ILE A 111 17.84 -1.38 4.18
N SER A 112 18.99 -0.73 3.97
CA SER A 112 19.65 0.01 5.06
C SER A 112 18.80 1.18 5.55
N GLU A 113 17.90 1.70 4.72
CA GLU A 113 17.05 2.83 5.10
C GLU A 113 15.80 2.40 5.86
N PHE A 114 15.53 1.11 5.96
CA PHE A 114 14.29 0.63 6.56
C PHE A 114 14.52 -0.34 7.72
N THR A 115 15.75 -0.43 8.22
CA THR A 115 16.05 -1.28 9.37
C THR A 115 15.30 -0.78 10.61
N VAL A 116 15.23 -1.62 11.64
CA VAL A 116 14.59 -1.20 12.90
C VAL A 116 15.37 -0.04 13.51
N LYS A 117 16.70 -0.07 13.45
CA LYS A 117 17.49 1.00 14.04
C LYS A 117 17.23 2.33 13.34
N ARG A 118 17.12 2.31 12.01
N ARG A 118 17.11 2.31 12.01
CA ARG A 118 16.84 3.54 11.29
CA ARG A 118 16.85 3.56 11.30
C ARG A 118 15.44 4.04 11.57
C ARG A 118 15.43 4.05 11.56
N ILE A 119 14.44 3.14 11.56
CA ILE A 119 13.08 3.55 11.84
C ILE A 119 12.99 4.16 13.24
N LYS A 120 13.67 3.55 14.22
CA LYS A 120 13.72 4.13 15.57
C LYS A 120 14.29 5.54 15.53
N GLY A 121 15.43 5.70 14.86
CA GLY A 121 16.04 7.01 14.68
C GLY A 121 15.14 8.02 14.00
N MET A 122 14.18 7.56 13.19
CA MET A 122 13.28 8.46 12.48
C MET A 122 12.12 8.96 13.35
N ARG A 123 11.84 8.32 14.48
CA ARG A 123 10.66 8.69 15.26
C ARG A 123 10.60 10.18 15.61
N PRO A 124 11.65 10.83 16.14
CA PRO A 124 11.55 12.27 16.40
C PRO A 124 11.27 13.09 15.16
N GLU A 125 11.83 12.67 14.03
CA GLU A 125 11.58 13.39 12.77
CA GLU A 125 11.58 13.42 12.79
C GLU A 125 10.15 13.21 12.30
N VAL A 126 9.61 11.99 12.42
CA VAL A 126 8.22 11.76 12.05
C VAL A 126 7.28 12.52 12.97
N GLU A 127 7.55 12.53 14.29
CA GLU A 127 6.71 13.31 15.20
C GLU A 127 6.76 14.79 14.85
N GLU A 128 7.94 15.31 14.51
CA GLU A 128 8.02 16.73 14.14
C GLU A 128 7.16 17.04 12.92
N VAL A 129 7.23 16.18 11.90
CA VAL A 129 6.45 16.41 10.69
C VAL A 129 4.96 16.34 10.99
N VAL A 130 4.55 15.33 11.76
CA VAL A 130 3.14 15.13 12.08
C VAL A 130 2.59 16.36 12.81
N HIS A 131 3.28 16.80 13.86
CA HIS A 131 2.79 17.94 14.63
C HIS A 131 2.91 19.24 13.85
N GLY A 132 3.86 19.32 12.92
CA GLY A 132 3.94 20.51 12.08
C GLY A 132 2.73 20.67 11.19
N PHE A 133 2.31 19.60 10.50
CA PHE A 133 1.12 19.73 9.67
C PHE A 133 -0.14 19.89 10.52
N LEU A 134 -0.18 19.29 11.72
CA LEU A 134 -1.30 19.58 12.62
C LEU A 134 -1.27 21.02 13.13
N ASP A 135 -0.09 21.55 13.45
CA ASP A 135 0.01 22.96 13.79
C ASP A 135 -0.72 23.80 12.76
N GLU A 136 -0.43 23.56 11.49
CA GLU A 136 -0.96 24.41 10.44
C GLU A 136 -2.44 24.17 10.22
N MET A 137 -2.88 22.91 10.22
CA MET A 137 -4.30 22.62 10.01
C MET A 137 -5.15 23.16 11.15
N LEU A 138 -4.68 23.01 12.40
CA LEU A 138 -5.45 23.47 13.55
C LEU A 138 -5.43 24.99 13.66
N ALA A 139 -4.32 25.63 13.30
CA ALA A 139 -4.27 27.09 13.33
C ALA A 139 -5.30 27.70 12.39
N ALA A 140 -5.55 27.05 11.26
CA ALA A 140 -6.50 27.57 10.28
C ALA A 140 -7.96 27.30 10.63
N GLY A 141 -8.23 26.29 11.44
CA GLY A 141 -9.59 26.01 11.86
C GLY A 141 -10.37 25.16 10.88
N PRO A 142 -11.44 24.52 11.36
CA PRO A 142 -12.26 23.66 10.50
C PRO A 142 -13.16 24.49 9.61
N THR A 143 -13.73 23.87 8.58
CA THR A 143 -13.56 22.48 8.14
C THR A 143 -12.28 22.32 7.36
N ALA A 144 -11.75 21.09 7.28
CA ALA A 144 -10.59 20.85 6.44
C ALA A 144 -10.74 19.48 5.78
N ASP A 145 -10.05 19.31 4.66
CA ASP A 145 -9.90 18.00 4.03
C ASP A 145 -8.69 17.32 4.67
N LEU A 146 -8.93 16.26 5.46
CA LEU A 146 -7.81 15.60 6.16
C LEU A 146 -6.80 15.03 5.17
N VAL A 147 -7.24 14.62 3.98
CA VAL A 147 -6.31 14.03 3.03
C VAL A 147 -5.29 15.06 2.57
N SER A 148 -5.76 16.16 1.96
CA SER A 148 -4.80 17.11 1.37
C SER A 148 -4.04 17.88 2.44
N GLN A 149 -4.60 18.05 3.64
CA GLN A 149 -3.93 18.88 4.64
C GLN A 149 -3.09 18.09 5.63
N PHE A 150 -3.17 16.75 5.62
CA PHE A 150 -2.48 16.02 6.68
C PHE A 150 -2.09 14.60 6.24
N ALA A 151 -3.07 13.81 5.79
CA ALA A 151 -2.80 12.39 5.55
C ALA A 151 -1.79 12.20 4.42
N LEU A 152 -1.84 13.02 3.39
CA LEU A 152 -0.88 12.87 2.30
C LEU A 152 0.43 13.62 2.58
N PRO A 153 0.41 14.89 3.03
CA PRO A 153 1.69 15.60 3.18
C PRO A 153 2.65 14.99 4.17
N VAL A 154 2.15 14.39 5.25
CA VAL A 154 3.01 13.83 6.29
C VAL A 154 3.88 12.72 5.71
N PRO A 155 3.32 11.64 5.15
CA PRO A 155 4.21 10.61 4.59
C PRO A 155 5.02 11.10 3.39
N SER A 156 4.51 12.07 2.64
CA SER A 156 5.26 12.62 1.52
C SER A 156 6.54 13.30 2.00
N MET A 157 6.42 14.14 3.03
CA MET A 157 7.61 14.80 3.55
C MET A 157 8.58 13.78 4.11
N VAL A 158 8.07 12.75 4.80
CA VAL A 158 8.95 11.75 5.39
C VAL A 158 9.69 10.96 4.30
N ILE A 159 8.97 10.47 3.29
CA ILE A 159 9.65 9.64 2.30
C ILE A 159 10.56 10.48 1.41
N CYS A 160 10.25 11.76 1.21
CA CYS A 160 11.17 12.60 0.45
C CYS A 160 12.51 12.72 1.15
N ARG A 161 12.50 12.93 2.47
CA ARG A 161 13.76 13.03 3.18
CA ARG A 161 13.75 13.03 3.21
C ARG A 161 14.51 11.72 3.18
N LEU A 162 13.80 10.60 3.30
CA LEU A 162 14.47 9.31 3.24
C LEU A 162 15.16 9.13 1.88
N LEU A 163 14.47 9.51 0.80
CA LEU A 163 14.98 9.27 -0.55
C LEU A 163 15.99 10.31 -0.99
N GLY A 164 15.98 11.51 -0.40
CA GLY A 164 16.78 12.61 -0.92
C GLY A 164 16.12 13.33 -2.06
N VAL A 165 14.80 13.21 -2.20
CA VAL A 165 13.97 13.93 -3.15
C VAL A 165 13.58 15.26 -2.53
N PRO A 166 13.83 16.40 -3.18
CA PRO A 166 13.56 17.70 -2.54
C PRO A 166 12.07 17.93 -2.34
N TYR A 167 11.67 18.17 -1.09
CA TYR A 167 10.25 18.40 -0.83
C TYR A 167 9.73 19.64 -1.52
N ALA A 168 10.60 20.57 -1.93
CA ALA A 168 10.12 21.74 -2.67
C ALA A 168 9.37 21.36 -3.94
N ASP A 169 9.62 20.16 -4.50
CA ASP A 169 8.93 19.70 -5.68
C ASP A 169 7.68 18.88 -5.38
N HIS A 170 7.12 19.01 -4.17
CA HIS A 170 6.13 18.03 -3.72
C HIS A 170 4.86 18.07 -4.56
N GLU A 171 4.39 19.26 -4.94
CA GLU A 171 3.18 19.31 -5.75
C GLU A 171 3.36 18.57 -7.07
N PHE A 172 4.58 18.59 -7.64
CA PHE A 172 4.82 17.88 -8.89
C PHE A 172 4.68 16.37 -8.70
N PHE A 173 5.42 15.79 -7.76
CA PHE A 173 5.39 14.34 -7.73
C PHE A 173 4.19 13.79 -6.95
N GLN A 174 3.60 14.58 -6.04
CA GLN A 174 2.32 14.17 -5.47
C GLN A 174 1.25 14.04 -6.55
N ASP A 175 1.20 14.99 -7.47
CA ASP A 175 0.24 14.89 -8.57
C ASP A 175 0.55 13.70 -9.47
N ALA A 176 1.83 13.51 -9.81
CA ALA A 176 2.19 12.40 -10.68
C ALA A 176 1.94 11.06 -9.99
N SER A 177 2.27 10.96 -8.70
CA SER A 177 2.05 9.72 -7.96
C SER A 177 0.58 9.33 -7.98
N LYS A 178 -0.30 10.30 -7.73
CA LYS A 178 -1.73 10.03 -7.77
C LYS A 178 -2.15 9.57 -9.16
N ARG A 179 -1.72 10.27 -10.19
CA ARG A 179 -2.11 9.91 -11.56
C ARG A 179 -1.64 8.50 -11.90
N LEU A 180 -0.45 8.12 -11.47
CA LEU A 180 0.06 6.80 -11.83
C LEU A 180 -0.74 5.70 -11.14
N VAL A 181 -1.09 5.89 -9.87
CA VAL A 181 -1.69 4.82 -9.09
C VAL A 181 -3.18 4.70 -9.37
N GLN A 182 -3.84 5.80 -9.70
CA GLN A 182 -5.28 5.83 -9.84
C GLN A 182 -5.79 5.92 -11.28
N SER A 183 -4.90 6.07 -12.26
CA SER A 183 -5.35 6.12 -13.65
C SER A 183 -6.13 4.87 -14.02
N THR A 184 -7.20 5.04 -14.79
CA THR A 184 -7.97 3.93 -15.32
C THR A 184 -7.65 3.65 -16.79
N ASP A 185 -6.64 4.30 -17.36
CA ASP A 185 -6.25 4.04 -18.73
C ASP A 185 -4.72 4.01 -18.82
N ALA A 186 -4.20 3.21 -19.75
CA ALA A 186 -2.76 3.01 -19.82
C ALA A 186 -2.03 4.30 -20.18
N GLN A 187 -2.63 5.13 -21.05
CA GLN A 187 -1.96 6.34 -21.51
C GLN A 187 -1.72 7.30 -20.35
N SER A 188 -2.74 7.52 -19.51
CA SER A 188 -2.58 8.41 -18.36
C SER A 188 -1.53 7.89 -17.40
N ALA A 189 -1.56 6.58 -17.13
CA ALA A 189 -0.56 6.00 -16.23
C ALA A 189 0.83 6.09 -16.84
N LEU A 190 0.95 5.81 -18.14
CA LEU A 190 2.25 5.90 -18.80
C LEU A 190 2.79 7.31 -18.74
N THR A 191 1.93 8.32 -18.91
CA THR A 191 2.41 9.70 -18.86
C THR A 191 2.96 10.04 -17.49
N ALA A 192 2.24 9.66 -16.44
CA ALA A 192 2.70 9.97 -15.09
C ALA A 192 4.01 9.25 -14.81
N ARG A 193 4.10 7.98 -15.23
CA ARG A 193 5.35 7.23 -15.13
C ARG A 193 6.49 7.99 -15.78
N ASN A 194 6.29 8.46 -17.01
CA ASN A 194 7.34 9.19 -17.72
C ASN A 194 7.66 10.53 -17.06
N ASP A 195 6.65 11.21 -16.51
CA ASP A 195 6.91 12.44 -15.77
C ASP A 195 7.87 12.19 -14.61
N LEU A 196 7.56 11.16 -13.80
CA LEU A 196 8.38 10.83 -12.64
C LEU A 196 9.77 10.38 -13.05
N ALA A 197 9.87 9.57 -14.12
CA ALA A 197 11.17 9.08 -14.57
C ALA A 197 12.06 10.24 -15.00
N GLY A 198 11.52 11.17 -15.79
CA GLY A 198 12.32 12.31 -16.21
C GLY A 198 12.80 13.14 -15.04
N TYR A 199 11.93 13.36 -14.06
CA TYR A 199 12.32 14.06 -12.85
C TYR A 199 13.45 13.35 -12.15
N LEU A 200 13.29 12.04 -11.92
CA LEU A 200 14.32 11.27 -11.22
C LEU A 200 15.61 11.16 -12.02
N ASP A 201 15.53 11.12 -13.36
CA ASP A 201 16.76 11.07 -14.13
C ASP A 201 17.59 12.34 -13.95
N GLY A 202 16.94 13.51 -13.87
CA GLY A 202 17.67 14.75 -13.62
C GLY A 202 18.28 14.80 -12.24
N LEU A 203 17.56 14.28 -11.23
CA LEU A 203 18.11 14.22 -9.88
C LEU A 203 19.39 13.41 -9.84
N ILE A 204 19.42 12.28 -10.56
CA ILE A 204 20.61 11.42 -10.57
C ILE A 204 21.81 12.20 -11.09
N THR A 205 21.64 12.88 -12.22
CA THR A 205 22.75 13.63 -12.83
C THR A 205 23.23 14.73 -11.88
N GLN A 206 22.29 15.42 -11.22
CA GLN A 206 22.65 16.39 -10.20
C GLN A 206 23.50 15.76 -9.10
N PHE A 207 23.14 14.55 -8.65
CA PHE A 207 23.92 13.88 -7.62
C PHE A 207 25.29 13.42 -8.13
N GLN A 208 25.41 13.17 -9.44
CA GLN A 208 26.71 12.82 -10.00
C GLN A 208 27.63 14.04 -10.02
N THR A 209 27.06 15.23 -10.15
CA THR A 209 27.83 16.46 -9.98
C THR A 209 28.15 16.72 -8.52
N GLU A 210 27.12 16.70 -7.68
CA GLU A 210 27.22 17.06 -6.27
C GLU A 210 26.56 15.93 -5.48
N PRO A 211 27.34 15.00 -4.93
CA PRO A 211 26.76 13.90 -4.15
C PRO A 211 25.72 14.42 -3.15
N GLY A 212 24.61 13.70 -3.06
CA GLY A 212 23.46 14.14 -2.30
C GLY A 212 23.14 13.21 -1.14
N ALA A 213 22.24 13.68 -0.28
CA ALA A 213 21.83 12.86 0.83
C ALA A 213 20.75 11.88 0.39
N GLY A 214 20.38 10.98 1.29
CA GLY A 214 19.24 10.12 1.07
C GLY A 214 19.58 8.90 0.24
N LEU A 215 18.59 8.02 0.09
CA LEU A 215 18.84 6.74 -0.58
C LEU A 215 19.20 6.93 -2.04
N VAL A 216 18.50 7.82 -2.75
CA VAL A 216 18.85 8.07 -4.14
C VAL A 216 20.29 8.54 -4.25
N GLY A 217 20.71 9.44 -3.34
CA GLY A 217 22.10 9.87 -3.35
C GLY A 217 23.07 8.73 -3.14
N ALA A 218 22.73 7.79 -2.24
CA ALA A 218 23.62 6.68 -1.95
C ALA A 218 23.71 5.73 -3.13
N LEU A 219 22.57 5.45 -3.77
CA LEU A 219 22.58 4.57 -4.94
C LEU A 219 23.38 5.17 -6.09
N VAL A 220 23.26 6.48 -6.29
CA VAL A 220 24.06 7.14 -7.34
C VAL A 220 25.54 7.02 -7.04
N ALA A 221 25.93 7.29 -5.79
CA ALA A 221 27.35 7.39 -5.47
C ALA A 221 28.02 6.02 -5.41
N ASP A 222 27.26 4.96 -5.12
CA ASP A 222 27.88 3.67 -4.91
C ASP A 222 27.50 2.69 -6.01
N GLN A 223 26.30 2.12 -5.95
CA GLN A 223 25.94 1.05 -6.88
C GLN A 223 25.94 1.53 -8.33
N LEU A 224 25.41 2.72 -8.61
CA LEU A 224 25.42 3.21 -9.98
C LEU A 224 26.86 3.45 -10.46
N ALA A 225 27.69 4.06 -9.62
CA ALA A 225 29.08 4.33 -9.96
C ALA A 225 29.86 3.05 -10.24
N ASN A 226 29.41 1.93 -9.69
CA ASN A 226 30.09 0.66 -9.88
C ASN A 226 29.41 -0.22 -10.92
N GLY A 227 28.42 0.31 -11.64
CA GLY A 227 27.73 -0.45 -12.66
C GLY A 227 26.87 -1.59 -12.13
N GLU A 228 26.57 -1.58 -10.83
CA GLU A 228 25.84 -2.68 -10.19
C GLU A 228 24.33 -2.54 -10.30
N ILE A 229 23.85 -1.35 -10.66
CA ILE A 229 22.45 -1.12 -10.97
C ILE A 229 22.41 -0.26 -12.22
N ASP A 230 21.48 -0.56 -13.11
CA ASP A 230 21.30 0.28 -14.28
C ASP A 230 20.68 1.60 -13.86
N ARG A 231 21.05 2.67 -14.58
CA ARG A 231 20.43 3.97 -14.33
C ARG A 231 18.91 3.88 -14.34
N GLU A 232 18.35 3.15 -15.31
CA GLU A 232 16.90 3.05 -15.42
CA GLU A 232 16.89 3.07 -15.40
C GLU A 232 16.30 2.21 -14.29
N GLU A 233 17.05 1.22 -13.79
CA GLU A 233 16.60 0.50 -12.60
C GLU A 233 16.60 1.39 -11.38
N LEU A 234 17.59 2.28 -11.28
CA LEU A 234 17.60 3.23 -10.15
C LEU A 234 16.35 4.09 -10.19
N ILE A 235 15.98 4.58 -11.39
CA ILE A 235 14.76 5.36 -11.55
C ILE A 235 13.55 4.55 -11.12
N SER A 236 13.41 3.32 -11.64
CA SER A 236 12.27 2.48 -11.27
C SER A 236 12.25 2.22 -9.76
N THR A 237 13.41 2.02 -9.16
CA THR A 237 13.46 1.70 -7.73
C THR A 237 13.06 2.91 -6.91
N ALA A 238 13.61 4.08 -7.24
CA ALA A 238 13.23 5.30 -6.53
C ALA A 238 11.75 5.59 -6.70
N MET A 239 11.23 5.36 -7.90
CA MET A 239 9.82 5.62 -8.14
C MET A 239 8.92 4.70 -7.31
N LEU A 240 9.25 3.41 -7.25
CA LEU A 240 8.51 2.49 -6.37
C LEU A 240 8.46 3.02 -4.94
N LEU A 241 9.62 3.40 -4.38
CA LEU A 241 9.65 3.83 -2.99
C LEU A 241 8.91 5.14 -2.81
N LEU A 242 9.02 6.03 -3.81
CA LEU A 242 8.36 7.33 -3.71
C LEU A 242 6.85 7.17 -3.72
N ILE A 243 6.31 6.36 -4.64
CA ILE A 243 4.87 6.15 -4.71
C ILE A 243 4.40 5.35 -3.51
N ALA A 244 5.07 4.24 -3.22
CA ALA A 244 4.72 3.44 -2.04
C ALA A 244 4.74 4.29 -0.78
N GLY A 245 5.74 5.18 -0.66
CA GLY A 245 5.85 6.00 0.54
C GLY A 245 4.75 7.04 0.67
N HIS A 246 4.20 7.49 -0.45
CA HIS A 246 3.10 8.46 -0.44
C HIS A 246 1.76 7.80 -0.14
N GLU A 247 1.33 6.92 -1.04
CA GLU A 247 -0.08 6.62 -1.18
C GLU A 247 -0.57 5.65 -0.11
N THR A 248 0.23 4.66 0.25
CA THR A 248 -0.29 3.61 1.12
CA THR A 248 -0.25 3.60 1.13
C THR A 248 -0.50 4.13 2.53
N THR A 249 0.51 4.79 3.11
CA THR A 249 0.38 5.33 4.45
C THR A 249 -0.73 6.36 4.54
N ALA A 250 -0.83 7.24 3.54
CA ALA A 250 -1.91 8.24 3.55
C ALA A 250 -3.26 7.57 3.61
N SER A 251 -3.43 6.47 2.88
CA SER A 251 -4.72 5.77 2.86
C SER A 251 -5.01 5.10 4.20
N MET A 252 -3.99 4.52 4.83
CA MET A 252 -4.21 3.94 6.16
C MET A 252 -4.65 5.00 7.14
N THR A 253 -4.11 6.22 7.02
CA THR A 253 -4.50 7.28 7.94
C THR A 253 -5.98 7.65 7.78
N SER A 254 -6.40 7.98 6.55
CA SER A 254 -7.79 8.37 6.34
CA SER A 254 -7.80 8.38 6.36
C SER A 254 -8.76 7.23 6.67
N LEU A 255 -8.44 6.01 6.21
CA LEU A 255 -9.35 4.90 6.49
C LEU A 255 -9.37 4.55 7.99
N SER A 256 -8.24 4.67 8.67
CA SER A 256 -8.23 4.40 10.11
C SER A 256 -9.09 5.41 10.85
N VAL A 257 -8.99 6.69 10.48
CA VAL A 257 -9.84 7.69 11.14
C VAL A 257 -11.31 7.38 10.91
N ILE A 258 -11.68 7.09 9.67
CA ILE A 258 -13.08 6.74 9.38
C ILE A 258 -13.50 5.54 10.23
N THR A 259 -12.68 4.49 10.22
CA THR A 259 -13.03 3.26 10.92
C THR A 259 -13.12 3.47 12.43
N LEU A 260 -12.14 4.18 13.01
CA LEU A 260 -12.17 4.38 14.46
C LEU A 260 -13.37 5.23 14.88
N LEU A 261 -13.71 6.27 14.11
CA LEU A 261 -14.89 7.07 14.45
C LEU A 261 -16.19 6.27 14.34
N ASP A 262 -16.22 5.23 13.49
CA ASP A 262 -17.37 4.33 13.46
C ASP A 262 -17.34 3.26 14.55
N HIS A 263 -16.26 3.15 15.32
CA HIS A 263 -16.19 2.23 16.46
C HIS A 263 -15.78 3.02 17.70
N PRO A 264 -16.64 3.93 18.16
CA PRO A 264 -16.22 4.85 19.23
C PRO A 264 -15.82 4.17 20.53
N GLU A 265 -16.42 3.04 20.90
CA GLU A 265 -15.99 2.40 22.14
C GLU A 265 -14.54 1.99 22.06
N GLN A 266 -14.12 1.47 20.91
CA GLN A 266 -12.72 1.07 20.79
C GLN A 266 -11.80 2.28 20.65
N TYR A 267 -12.23 3.32 19.93
CA TYR A 267 -11.41 4.53 19.85
C TYR A 267 -11.24 5.15 21.23
N ALA A 268 -12.29 5.10 22.06
CA ALA A 268 -12.15 5.64 23.41
C ALA A 268 -11.18 4.80 24.24
N ALA A 269 -11.27 3.47 24.10
CA ALA A 269 -10.37 2.59 24.84
C ALA A 269 -8.93 2.80 24.42
N LEU A 270 -8.72 3.03 23.12
CA LEU A 270 -7.40 3.35 22.61
C LEU A 270 -6.86 4.63 23.21
N ARG A 271 -7.71 5.66 23.33
CA ARG A 271 -7.22 6.93 23.89
C ARG A 271 -6.85 6.78 25.35
N ALA A 272 -7.57 5.92 26.06
CA ALA A 272 -7.41 5.73 27.49
C ALA A 272 -6.18 4.90 27.84
N ASP A 273 -5.59 4.20 26.87
CA ASP A 273 -4.43 3.35 27.16
C ASP A 273 -3.59 3.28 25.88
N ARG A 274 -2.62 4.19 25.77
CA ARG A 274 -1.83 4.27 24.56
C ARG A 274 -0.91 3.07 24.36
N SER A 275 -0.73 2.22 25.37
CA SER A 275 0.01 0.98 25.12
C SER A 275 -0.74 0.07 24.17
N LEU A 276 -2.02 0.33 23.90
CA LEU A 276 -2.80 -0.42 22.94
C LEU A 276 -2.53 -0.03 21.49
N VAL A 277 -1.82 1.08 21.25
CA VAL A 277 -1.77 1.63 19.89
C VAL A 277 -1.06 0.69 18.92
N PRO A 278 0.07 0.07 19.28
CA PRO A 278 0.70 -0.86 18.32
C PRO A 278 -0.21 -2.02 17.92
N GLY A 279 -0.92 -2.62 18.89
CA GLY A 279 -1.86 -3.68 18.54
C GLY A 279 -3.03 -3.17 17.74
N ALA A 280 -3.48 -1.95 18.02
CA ALA A 280 -4.55 -1.37 17.22
C ALA A 280 -4.09 -1.15 15.78
N VAL A 281 -2.83 -0.74 15.60
CA VAL A 281 -2.30 -0.57 14.24
C VAL A 281 -2.32 -1.90 13.50
N GLU A 282 -1.90 -2.98 14.16
CA GLU A 282 -1.94 -4.29 13.49
C GLU A 282 -3.36 -4.69 13.12
N GLU A 283 -4.31 -4.47 14.03
CA GLU A 283 -5.70 -4.80 13.71
C GLU A 283 -6.22 -3.97 12.54
N LEU A 284 -5.89 -2.67 12.53
CA LEU A 284 -6.34 -1.82 11.44
C LEU A 284 -5.72 -2.24 10.12
N LEU A 285 -4.44 -2.64 10.14
CA LEU A 285 -3.80 -3.13 8.94
C LEU A 285 -4.50 -4.40 8.43
N ARG A 286 -4.74 -5.36 9.32
CA ARG A 286 -5.46 -6.58 8.94
C ARG A 286 -6.82 -6.25 8.35
N TYR A 287 -7.56 -5.38 9.04
CA TYR A 287 -8.98 -5.12 8.76
C TYR A 287 -9.17 -4.28 7.50
N LEU A 288 -8.29 -3.30 7.28
CA LEU A 288 -8.45 -2.39 6.15
C LEU A 288 -7.78 -2.92 4.89
N ALA A 289 -6.73 -3.74 5.06
CA ALA A 289 -6.02 -4.43 3.98
C ALA A 289 -6.11 -3.69 2.65
N ILE A 290 -5.40 -2.57 2.53
CA ILE A 290 -5.63 -1.63 1.43
C ILE A 290 -4.90 -2.00 0.15
N ALA A 291 -4.03 -3.01 0.17
CA ALA A 291 -3.16 -3.27 -0.97
C ALA A 291 -3.37 -4.63 -1.65
N ASP A 292 -4.61 -4.99 -2.02
CA ASP A 292 -4.78 -6.19 -2.85
C ASP A 292 -4.14 -6.06 -4.24
N ILE A 293 -4.03 -4.84 -4.77
CA ILE A 293 -3.44 -4.66 -6.10
C ILE A 293 -2.00 -5.17 -6.14
N ALA A 294 -1.43 -5.47 -4.98
CA ALA A 294 -0.07 -5.97 -4.85
C ALA A 294 -0.01 -7.50 -4.71
N GLY A 295 -1.05 -8.21 -5.14
CA GLY A 295 -1.06 -9.66 -4.95
C GLY A 295 -0.88 -10.50 -6.21
N GLY A 296 -0.65 -9.86 -7.36
CA GLY A 296 -0.58 -10.58 -8.62
C GLY A 296 0.67 -11.45 -8.73
N ARG A 297 0.51 -12.61 -9.38
CA ARG A 297 1.54 -13.61 -9.59
C ARG A 297 1.26 -14.35 -10.90
N VAL A 298 2.31 -14.94 -11.46
CA VAL A 298 2.15 -15.80 -12.63
C VAL A 298 2.89 -17.10 -12.38
N ALA A 299 2.20 -18.22 -12.61
CA ALA A 299 2.81 -19.52 -12.40
C ALA A 299 3.77 -19.84 -13.54
N THR A 300 4.97 -20.28 -13.17
CA THR A 300 5.97 -20.74 -14.15
C THR A 300 6.04 -22.26 -14.22
N ALA A 301 5.26 -22.94 -13.39
CA ALA A 301 5.16 -24.39 -13.36
C ALA A 301 3.80 -24.74 -12.77
N ASP A 302 3.35 -25.96 -13.05
CA ASP A 302 2.13 -26.45 -12.43
C ASP A 302 2.29 -26.47 -10.91
N ILE A 303 1.22 -26.12 -10.20
CA ILE A 303 1.19 -26.15 -8.74
C ILE A 303 -0.10 -26.81 -8.32
N GLU A 304 0.00 -27.88 -7.51
CA GLU A 304 -1.19 -28.50 -6.93
C GLU A 304 -1.49 -27.86 -5.60
N VAL A 305 -2.73 -27.39 -5.44
CA VAL A 305 -3.17 -26.66 -4.26
C VAL A 305 -4.42 -27.36 -3.75
N GLU A 306 -4.26 -28.15 -2.68
CA GLU A 306 -5.37 -28.86 -2.02
C GLU A 306 -6.34 -29.44 -3.05
N GLY A 307 -5.78 -30.14 -4.03
CA GLY A 307 -6.57 -30.81 -5.04
C GLY A 307 -6.90 -29.98 -6.27
N GLN A 308 -6.77 -28.66 -6.20
CA GLN A 308 -6.95 -27.80 -7.38
C GLN A 308 -5.62 -27.61 -8.09
N LEU A 309 -5.67 -27.41 -9.40
CA LEU A 309 -4.47 -27.36 -10.23
C LEU A 309 -4.29 -25.96 -10.80
N ILE A 310 -3.21 -25.29 -10.40
CA ILE A 310 -2.76 -24.08 -11.08
C ILE A 310 -1.77 -24.51 -12.15
N ARG A 311 -2.08 -24.21 -13.41
CA ARG A 311 -1.25 -24.60 -14.53
CA ARG A 311 -1.24 -24.60 -14.52
C ARG A 311 -0.21 -23.54 -14.81
N ALA A 312 0.94 -23.97 -15.34
CA ALA A 312 1.97 -23.03 -15.78
C ALA A 312 1.36 -22.05 -16.77
N GLY A 313 1.63 -20.76 -16.56
CA GLY A 313 1.13 -19.73 -17.43
C GLY A 313 -0.15 -19.07 -16.97
N GLU A 314 -0.75 -19.56 -15.90
CA GLU A 314 -1.95 -18.95 -15.35
C GLU A 314 -1.62 -17.83 -14.37
N GLY A 315 -2.47 -16.81 -14.36
CA GLY A 315 -2.33 -15.74 -13.37
C GLY A 315 -3.03 -16.12 -12.07
N VAL A 316 -2.40 -15.73 -10.96
CA VAL A 316 -2.90 -15.98 -9.61
C VAL A 316 -2.83 -14.66 -8.84
N ILE A 317 -3.93 -14.27 -8.19
CA ILE A 317 -3.94 -13.06 -7.37
C ILE A 317 -4.17 -13.48 -5.93
N VAL A 318 -3.19 -13.20 -5.07
CA VAL A 318 -3.30 -13.50 -3.65
C VAL A 318 -4.01 -12.31 -3.01
N VAL A 319 -5.28 -12.50 -2.64
CA VAL A 319 -6.13 -11.38 -2.22
C VAL A 319 -6.02 -11.31 -0.70
N ASN A 320 -5.08 -10.48 -0.22
CA ASN A 320 -4.80 -10.49 1.21
C ASN A 320 -5.93 -9.92 2.03
N SER A 321 -6.76 -9.05 1.46
CA SER A 321 -7.91 -8.55 2.21
C SER A 321 -8.87 -9.69 2.56
N ILE A 322 -9.09 -10.61 1.63
CA ILE A 322 -9.97 -11.74 1.90
C ILE A 322 -9.31 -12.73 2.84
N ALA A 323 -8.04 -13.05 2.60
CA ALA A 323 -7.30 -13.92 3.51
C ALA A 323 -7.29 -13.36 4.93
N ASN A 324 -7.25 -12.03 5.06
CA ASN A 324 -7.26 -11.41 6.38
C ASN A 324 -8.62 -11.49 7.06
N ARG A 325 -9.66 -11.97 6.36
CA ARG A 325 -10.96 -12.21 6.97
C ARG A 325 -11.25 -13.71 7.09
N ASP A 326 -10.21 -14.52 7.21
CA ASP A 326 -10.32 -15.96 7.38
C ASP A 326 -10.64 -16.26 8.85
N GLY A 327 -11.86 -16.73 9.11
CA GLY A 327 -12.31 -16.98 10.47
C GLY A 327 -11.61 -18.13 11.18
N THR A 328 -10.91 -19.00 10.44
CA THR A 328 -10.09 -20.02 11.11
C THR A 328 -8.82 -19.44 11.71
N VAL A 329 -8.48 -18.19 11.39
CA VAL A 329 -7.33 -17.52 11.97
C VAL A 329 -7.76 -16.40 12.91
N TYR A 330 -8.76 -15.60 12.50
CA TYR A 330 -9.23 -14.45 13.26
C TYR A 330 -10.69 -14.68 13.63
N GLU A 331 -10.93 -15.10 14.88
CA GLU A 331 -12.28 -15.41 15.33
C GLU A 331 -13.18 -14.19 15.15
N ASP A 332 -14.36 -14.40 14.58
CA ASP A 332 -15.25 -13.32 14.20
C ASP A 332 -14.48 -12.33 13.31
N PRO A 333 -14.04 -12.79 12.13
CA PRO A 333 -13.05 -12.01 11.36
C PRO A 333 -13.54 -10.66 10.92
N ASP A 334 -14.85 -10.44 10.79
CA ASP A 334 -15.35 -9.16 10.34
C ASP A 334 -15.61 -8.18 11.48
N ALA A 335 -15.28 -8.54 12.72
CA ALA A 335 -15.39 -7.63 13.84
C ALA A 335 -14.05 -6.92 14.02
N LEU A 336 -14.07 -5.58 13.99
CA LEU A 336 -12.89 -4.85 14.42
C LEU A 336 -12.67 -5.08 15.90
N ASP A 337 -11.45 -5.48 16.27
CA ASP A 337 -11.14 -5.72 17.69
C ASP A 337 -9.67 -5.35 17.92
N ILE A 338 -9.45 -4.13 18.42
CA ILE A 338 -8.07 -3.67 18.62
C ILE A 338 -7.32 -4.48 19.65
N HIS A 339 -8.00 -5.29 20.47
CA HIS A 339 -7.37 -6.14 21.47
C HIS A 339 -7.07 -7.54 20.97
N ARG A 340 -7.61 -7.94 19.82
CA ARG A 340 -7.38 -9.30 19.34
C ARG A 340 -5.92 -9.49 18.97
N SER A 341 -5.55 -10.76 18.77
CA SER A 341 -4.26 -11.05 18.14
C SER A 341 -4.46 -10.92 16.64
N ALA A 342 -3.98 -9.83 16.05
CA ALA A 342 -3.92 -9.72 14.61
C ALA A 342 -2.60 -10.24 14.04
N ARG A 343 -1.84 -11.01 14.83
CA ARG A 343 -0.59 -11.58 14.33
C ARG A 343 -0.82 -12.39 13.06
N HIS A 344 0.21 -12.38 12.21
CA HIS A 344 0.29 -13.16 10.98
C HIS A 344 -0.63 -12.62 9.88
N HIS A 345 -1.16 -11.40 10.03
CA HIS A 345 -1.96 -10.86 8.95
C HIS A 345 -1.09 -10.66 7.70
N LEU A 346 -1.77 -10.56 6.56
CA LEU A 346 -1.12 -10.50 5.25
C LEU A 346 -1.23 -9.13 4.60
N ALA A 347 -1.51 -8.07 5.38
CA ALA A 347 -1.64 -6.75 4.78
C ALA A 347 -0.36 -6.29 4.11
N PHE A 348 0.80 -6.79 4.56
CA PHE A 348 2.10 -6.49 3.98
C PHE A 348 2.64 -7.62 3.11
N GLY A 349 1.84 -8.64 2.84
CA GLY A 349 2.38 -9.79 2.14
C GLY A 349 3.09 -10.76 3.08
N PHE A 350 3.90 -11.64 2.47
CA PHE A 350 4.61 -12.69 3.18
C PHE A 350 5.76 -13.16 2.29
N GLY A 351 6.89 -13.48 2.91
CA GLY A 351 8.01 -14.03 2.17
C GLY A 351 8.99 -13.01 1.62
N VAL A 352 9.61 -13.33 0.48
CA VAL A 352 10.74 -12.53 0.05
C VAL A 352 10.33 -11.10 -0.29
N HIS A 353 9.07 -10.90 -0.71
CA HIS A 353 8.59 -9.59 -1.09
C HIS A 353 7.81 -8.88 0.00
N GLN A 354 7.82 -9.40 1.24
CA GLN A 354 7.04 -8.75 2.28
C GLN A 354 7.49 -7.30 2.39
N CYS A 355 6.52 -6.40 2.55
CA CYS A 355 6.67 -4.96 2.36
C CYS A 355 7.93 -4.41 3.01
N LEU A 356 8.84 -3.88 2.18
CA LEU A 356 10.07 -3.27 2.69
C LEU A 356 9.76 -2.14 3.67
N GLY A 357 8.69 -1.39 3.42
CA GLY A 357 8.35 -0.25 4.24
C GLY A 357 7.46 -0.53 5.43
N GLN A 358 7.25 -1.80 5.78
CA GLN A 358 6.20 -2.14 6.76
C GLN A 358 6.44 -1.46 8.10
N ASN A 359 7.68 -1.35 8.53
CA ASN A 359 7.87 -0.80 9.86
C ASN A 359 7.93 0.72 9.88
N LEU A 360 8.30 1.35 8.76
CA LEU A 360 8.02 2.78 8.61
C LEU A 360 6.52 3.03 8.63
N ALA A 361 5.73 2.20 7.93
CA ALA A 361 4.29 2.41 7.94
C ALA A 361 3.73 2.23 9.35
N ARG A 362 4.24 1.25 10.09
CA ARG A 362 3.76 1.04 11.45
C ARG A 362 4.13 2.22 12.33
N LEU A 363 5.35 2.74 12.18
CA LEU A 363 5.77 3.90 12.95
C LEU A 363 4.90 5.11 12.64
N GLU A 364 4.70 5.40 11.35
CA GLU A 364 3.91 6.58 10.99
C GLU A 364 2.48 6.49 11.51
N LEU A 365 1.83 5.33 11.39
CA LEU A 365 0.46 5.24 11.88
CA LEU A 365 0.46 5.21 11.88
C LEU A 365 0.39 5.37 13.40
N GLU A 366 1.38 4.84 14.12
CA GLU A 366 1.36 5.00 15.58
C GLU A 366 1.49 6.47 15.97
N VAL A 367 2.49 7.16 15.41
CA VAL A 367 2.69 8.58 15.73
C VAL A 367 1.44 9.37 15.37
N ILE A 368 0.83 9.05 14.22
CA ILE A 368 -0.33 9.82 13.75
C ILE A 368 -1.54 9.61 14.65
N LEU A 369 -1.80 8.37 15.06
CA LEU A 369 -2.97 8.15 15.90
C LEU A 369 -2.78 8.79 17.25
N ASN A 370 -1.59 8.67 17.84
CA ASN A 370 -1.35 9.34 19.11
C ASN A 370 -1.50 10.85 18.99
N ALA A 371 -1.02 11.42 17.88
CA ALA A 371 -1.07 12.87 17.72
C ALA A 371 -2.49 13.35 17.55
N LEU A 372 -3.29 12.64 16.76
CA LEU A 372 -4.70 13.01 16.61
C LEU A 372 -5.45 12.91 17.93
N MET A 373 -5.22 11.84 18.69
CA MET A 373 -5.88 11.69 19.99
C MET A 373 -5.39 12.75 20.98
N ASP A 374 -4.10 13.10 20.91
CA ASP A 374 -3.56 14.15 21.79
C ASP A 374 -4.08 15.54 21.40
N ARG A 375 -3.93 15.92 20.13
CA ARG A 375 -4.15 17.29 19.70
C ARG A 375 -5.55 17.56 19.18
N VAL A 376 -6.27 16.55 18.70
CA VAL A 376 -7.61 16.78 18.15
C VAL A 376 -8.58 15.75 18.70
N PRO A 377 -8.79 15.66 20.01
CA PRO A 377 -9.74 14.67 20.53
C PRO A 377 -11.17 14.88 20.06
N THR A 378 -11.54 16.10 19.65
CA THR A 378 -12.88 16.37 19.14
C THR A 378 -13.01 16.17 17.63
N LEU A 379 -11.98 15.63 16.97
CA LEU A 379 -12.06 15.35 15.55
C LEU A 379 -13.30 14.51 15.21
N ARG A 380 -13.97 14.86 14.12
CA ARG A 380 -15.11 14.09 13.66
C ARG A 380 -15.31 14.39 12.18
N LEU A 381 -15.94 13.46 11.48
CA LEU A 381 -16.21 13.68 10.07
C LEU A 381 -17.17 14.85 9.88
N ALA A 382 -16.96 15.63 8.83
CA ALA A 382 -17.82 16.76 8.52
C ALA A 382 -18.94 16.37 7.57
N VAL A 383 -18.94 15.13 7.08
CA VAL A 383 -20.00 14.59 6.23
C VAL A 383 -20.31 13.17 6.68
N PRO A 384 -21.50 12.67 6.35
CA PRO A 384 -21.80 11.26 6.66
C PRO A 384 -20.86 10.34 5.90
N VAL A 385 -20.58 9.18 6.51
CA VAL A 385 -19.71 8.19 5.88
C VAL A 385 -20.22 7.84 4.49
N GLU A 386 -21.54 7.68 4.36
CA GLU A 386 -22.14 7.30 3.08
CA GLU A 386 -22.13 7.29 3.08
C GLU A 386 -21.82 8.31 1.98
N GLN A 387 -21.54 9.57 2.33
CA GLN A 387 -21.28 10.56 1.30
C GLN A 387 -19.82 10.58 0.82
N LEU A 388 -18.93 9.85 1.47
CA LEU A 388 -17.56 9.74 0.98
C LEU A 388 -17.51 8.96 -0.34
N VAL A 389 -16.49 9.24 -1.14
CA VAL A 389 -16.29 8.54 -2.41
C VAL A 389 -15.11 7.59 -2.23
N LEU A 390 -15.38 6.29 -2.30
CA LEU A 390 -14.34 5.30 -2.11
C LEU A 390 -13.65 5.03 -3.45
N ARG A 391 -12.34 4.83 -3.40
CA ARG A 391 -11.63 4.43 -4.61
C ARG A 391 -12.05 3.01 -5.02
N PRO A 392 -11.95 2.69 -6.32
CA PRO A 392 -12.35 1.35 -6.77
C PRO A 392 -11.28 0.31 -6.46
N GLY A 393 -11.67 -0.96 -6.62
CA GLY A 393 -10.80 -2.07 -6.29
C GLY A 393 -9.60 -2.27 -7.20
N THR A 394 -9.50 -1.47 -8.26
CA THR A 394 -8.36 -1.53 -9.16
C THR A 394 -7.17 -0.73 -8.68
N THR A 395 -7.27 -0.06 -7.53
CA THR A 395 -6.16 0.74 -7.02
C THR A 395 -6.05 0.51 -5.51
N ILE A 396 -5.17 1.29 -4.87
CA ILE A 396 -5.04 1.25 -3.41
C ILE A 396 -6.33 1.76 -2.78
N GLN A 397 -6.89 0.98 -1.84
CA GLN A 397 -8.15 1.37 -1.21
C GLN A 397 -8.00 2.71 -0.50
N GLY A 398 -9.09 3.47 -0.46
CA GLY A 398 -9.12 4.68 0.34
C GLY A 398 -10.11 5.67 -0.23
N VAL A 399 -10.00 6.91 0.27
CA VAL A 399 -10.87 8.02 -0.12
C VAL A 399 -9.97 9.14 -0.63
N ASN A 400 -10.43 9.87 -1.65
CA ASN A 400 -9.58 10.94 -2.15
C ASN A 400 -9.78 12.26 -1.40
N GLU A 401 -10.88 12.41 -0.67
CA GLU A 401 -11.10 13.56 0.21
C GLU A 401 -11.77 13.07 1.49
N LEU A 402 -11.44 13.72 2.61
CA LEU A 402 -12.05 13.37 3.89
C LEU A 402 -12.35 14.64 4.68
N PRO A 403 -13.54 15.21 4.49
CA PRO A 403 -13.91 16.43 5.23
C PRO A 403 -14.04 16.15 6.72
N VAL A 404 -13.36 16.98 7.53
CA VAL A 404 -13.38 16.82 8.97
C VAL A 404 -13.59 18.17 9.65
N THR A 405 -14.07 18.10 10.88
CA THR A 405 -14.18 19.30 11.71
C THR A 405 -13.84 18.91 13.15
N TRP A 406 -13.77 19.90 14.02
CA TRP A 406 -13.29 19.70 15.38
C TRP A 406 -13.60 20.97 16.16
N HIS A 407 -13.35 20.94 17.46
CA HIS A 407 -13.58 22.13 18.28
C HIS A 407 -12.46 23.13 18.06
N HIS A 408 -12.78 24.29 17.52
CA HIS A 408 -11.72 25.25 17.19
C HIS A 408 -11.28 25.97 18.46
N HIS A 409 -10.05 25.70 18.88
CA HIS A 409 -9.42 26.50 19.93
C HIS A 409 -8.70 27.67 19.28
N HIS A 410 -9.08 28.89 19.68
CA HIS A 410 -8.39 30.07 19.20
C HIS A 410 -6.97 30.10 19.75
#